data_1ZGN
#
_entry.id   1ZGN
#
_cell.length_a   76.219
_cell.length_b   89.759
_cell.length_c   68.713
_cell.angle_alpha   90.00
_cell.angle_beta   97.632
_cell.angle_gamma   90.00
#
_symmetry.space_group_name_H-M   'C 1 2 1'
#
loop_
_entity.id
_entity.type
_entity.pdbx_description
1 polymer 'Glutathione S-transferase P'
2 non-polymer 'FE (III) ION'
3 non-polymer '2-(N-MORPHOLINO)-ETHANESULFONIC ACID'
4 non-polymer GLUTATHIONE
5 non-polymer 'NITRIC OXIDE'
6 water water
#
_entity_poly.entity_id   1
_entity_poly.type   'polypeptide(L)'
_entity_poly.pdbx_seq_one_letter_code
;PPYTVVYFPVRGRCAALRMLLADQGQSWKEEVVTVETWQEGSLKASCLYGQLPKFQDGDLTLYQSNTILRHLGRTLGLYG
KDQQEAALVDMVNDGVEDLRCKYISLIYTNYEAGKDDYVKALPGQLKPFETLLSQNQGGKTFIVGDQISFADYNLLDLLL
IHEVLAPGCLDAFPLLSAYVGRLSARPKLKAFLASPEYVNLPINGNGKQ
;
_entity_poly.pdbx_strand_id   A,B
#
loop_
_chem_comp.id
_chem_comp.type
_chem_comp.name
_chem_comp.formula
FE non-polymer 'FE (III) ION' 'Fe 3'
GSH non-polymer GLUTATHIONE 'C10 H17 N3 O6 S'
MES non-polymer '2-(N-MORPHOLINO)-ETHANESULFONIC ACID' 'C6 H13 N O4 S'
NO non-polymer 'NITRIC OXIDE' 'N O'
#
# COMPACT_ATOMS: atom_id res chain seq x y z
N PRO A 2 -16.33 -4.92 -19.86
CA PRO A 2 -14.85 -5.09 -19.82
C PRO A 2 -14.35 -5.04 -18.37
N TYR A 3 -15.05 -4.31 -17.51
CA TYR A 3 -14.67 -4.21 -16.11
C TYR A 3 -15.64 -4.98 -15.23
N THR A 4 -15.09 -5.81 -14.34
CA THR A 4 -15.93 -6.56 -13.42
C THR A 4 -15.38 -6.46 -12.00
N VAL A 5 -16.23 -6.05 -11.07
CA VAL A 5 -15.86 -5.90 -9.66
C VAL A 5 -16.48 -7.06 -8.89
N VAL A 6 -15.65 -7.87 -8.23
CA VAL A 6 -16.13 -8.99 -7.44
C VAL A 6 -15.89 -8.63 -5.98
N TYR A 7 -16.96 -8.51 -5.20
CA TYR A 7 -16.82 -8.11 -3.81
C TYR A 7 -18.03 -8.51 -2.96
N PHE A 8 -17.91 -8.28 -1.65
CA PHE A 8 -18.99 -8.56 -0.71
C PHE A 8 -20.01 -7.42 -0.89
N PRO A 9 -21.24 -7.62 -0.40
CA PRO A 9 -22.24 -6.56 -0.55
C PRO A 9 -22.03 -5.38 0.41
N VAL A 10 -20.91 -4.67 0.23
CA VAL A 10 -20.59 -3.51 1.05
C VAL A 10 -19.80 -2.50 0.23
N ARG A 11 -19.64 -1.30 0.75
CA ARG A 11 -18.87 -0.27 0.07
C ARG A 11 -17.40 -0.59 0.34
N GLY A 12 -17.03 -0.55 1.61
CA GLY A 12 -15.67 -0.85 2.03
C GLY A 12 -14.53 -0.42 1.13
N ARG A 13 -13.72 -1.40 0.75
CA ARG A 13 -12.56 -1.17 -0.10
C ARG A 13 -12.84 -1.02 -1.59
N CYS A 14 -14.11 -1.06 -1.98
CA CYS A 14 -14.46 -0.88 -3.39
C CYS A 14 -15.16 0.47 -3.61
N ALA A 15 -15.42 1.20 -2.53
CA ALA A 15 -16.08 2.51 -2.61
C ALA A 15 -15.34 3.50 -3.52
N ALA A 16 -14.05 3.70 -3.24
CA ALA A 16 -13.28 4.65 -4.03
C ALA A 16 -13.17 4.28 -5.51
N LEU A 17 -12.86 3.01 -5.78
CA LEU A 17 -12.72 2.60 -7.18
C LEU A 17 -14.05 2.70 -7.94
N ARG A 18 -15.16 2.53 -7.23
CA ARG A 18 -16.46 2.65 -7.87
C ARG A 18 -16.73 4.12 -8.22
N MET A 19 -16.43 5.01 -7.28
CA MET A 19 -16.62 6.45 -7.50
C MET A 19 -15.77 6.87 -8.70
N LEU A 20 -14.54 6.38 -8.76
CA LEU A 20 -13.65 6.72 -9.85
C LEU A 20 -14.27 6.29 -11.19
N LEU A 21 -14.67 5.03 -11.28
CA LEU A 21 -15.27 4.50 -12.50
C LEU A 21 -16.51 5.28 -12.92
N ALA A 22 -17.37 5.58 -11.97
CA ALA A 22 -18.60 6.33 -12.26
C ALA A 22 -18.28 7.75 -12.71
N ASP A 23 -17.45 8.44 -11.95
CA ASP A 23 -17.10 9.82 -12.27
C ASP A 23 -16.39 9.92 -13.61
N GLN A 24 -15.75 8.83 -14.02
CA GLN A 24 -15.03 8.79 -15.30
C GLN A 24 -15.91 8.23 -16.41
N GLY A 25 -17.19 8.06 -16.11
CA GLY A 25 -18.14 7.56 -17.09
C GLY A 25 -17.87 6.18 -17.65
N GLN A 26 -17.23 5.32 -16.85
CA GLN A 26 -16.93 3.96 -17.29
C GLN A 26 -18.04 3.03 -16.86
N SER A 27 -18.23 1.94 -17.60
CA SER A 27 -19.26 0.98 -17.25
C SER A 27 -18.59 -0.29 -16.72
N TRP A 28 -19.22 -0.94 -15.75
CA TRP A 28 -18.65 -2.16 -15.20
C TRP A 28 -19.76 -3.05 -14.65
N LYS A 29 -19.42 -4.29 -14.35
CA LYS A 29 -20.38 -5.24 -13.80
C LYS A 29 -20.08 -5.52 -12.33
N GLU A 30 -21.13 -5.69 -11.54
CA GLU A 30 -20.96 -5.97 -10.11
C GLU A 30 -21.31 -7.44 -9.84
N GLU A 31 -20.32 -8.22 -9.41
CA GLU A 31 -20.58 -9.60 -9.08
C GLU A 31 -20.53 -9.66 -7.55
N VAL A 32 -21.68 -9.89 -6.92
CA VAL A 32 -21.75 -9.94 -5.47
C VAL A 32 -21.46 -11.32 -4.92
N VAL A 33 -20.67 -11.35 -3.85
CA VAL A 33 -20.31 -12.59 -3.19
C VAL A 33 -20.96 -12.58 -1.81
N THR A 34 -21.83 -13.54 -1.55
CA THR A 34 -22.51 -13.60 -0.26
C THR A 34 -21.64 -14.26 0.79
N VAL A 35 -21.85 -13.87 2.05
CA VAL A 35 -21.10 -14.45 3.16
C VAL A 35 -21.21 -15.97 3.11
N GLU A 36 -22.39 -16.47 2.75
CA GLU A 36 -22.59 -17.90 2.66
C GLU A 36 -21.65 -18.48 1.60
N THR A 37 -21.64 -17.85 0.43
CA THR A 37 -20.78 -18.29 -0.66
C THR A 37 -19.31 -18.27 -0.22
N TRP A 38 -18.91 -17.18 0.41
CA TRP A 38 -17.54 -17.04 0.87
C TRP A 38 -17.18 -18.17 1.84
N GLN A 39 -18.05 -18.40 2.81
CA GLN A 39 -17.82 -19.45 3.80
C GLN A 39 -17.71 -20.82 3.16
N GLU A 40 -18.25 -20.96 1.95
CA GLU A 40 -18.20 -22.24 1.25
C GLU A 40 -16.73 -22.62 1.02
N GLY A 41 -15.87 -21.62 0.89
CA GLY A 41 -14.46 -21.88 0.72
C GLY A 41 -13.85 -21.91 -0.68
N SER A 42 -14.63 -22.34 -1.66
CA SER A 42 -14.14 -22.44 -3.04
C SER A 42 -13.59 -21.14 -3.61
N LEU A 43 -14.40 -20.09 -3.65
CA LEU A 43 -13.95 -18.80 -4.19
C LEU A 43 -12.70 -18.31 -3.47
N LYS A 44 -12.74 -18.32 -2.14
CA LYS A 44 -11.61 -17.87 -1.34
C LYS A 44 -10.31 -18.57 -1.74
N ALA A 45 -10.38 -19.90 -1.86
CA ALA A 45 -9.23 -20.70 -2.24
C ALA A 45 -8.67 -20.27 -3.60
N SER A 46 -9.55 -19.83 -4.49
CA SER A 46 -9.15 -19.40 -5.83
C SER A 46 -8.55 -17.99 -5.87
N CYS A 47 -8.77 -17.21 -4.81
CA CYS A 47 -8.24 -15.84 -4.76
C CYS A 47 -6.75 -15.86 -4.43
N LEU A 48 -5.96 -15.09 -5.19
CA LEU A 48 -4.51 -15.04 -4.98
C LEU A 48 -4.07 -14.95 -3.52
N TYR A 49 -4.64 -14.00 -2.79
CA TYR A 49 -4.30 -13.82 -1.38
C TYR A 49 -5.43 -14.25 -0.47
N GLY A 50 -6.37 -15.03 -1.01
CA GLY A 50 -7.49 -15.51 -0.23
C GLY A 50 -8.48 -14.44 0.21
N GLN A 51 -8.53 -13.34 -0.53
CA GLN A 51 -9.44 -12.25 -0.19
C GLN A 51 -10.02 -11.49 -1.38
N LEU A 52 -10.91 -10.55 -1.07
CA LEU A 52 -11.54 -9.70 -2.07
C LEU A 52 -11.21 -8.26 -1.68
N PRO A 53 -11.43 -7.31 -2.59
CA PRO A 53 -11.99 -7.49 -3.93
C PRO A 53 -11.11 -8.16 -4.98
N LYS A 54 -11.80 -8.68 -5.99
CA LYS A 54 -11.20 -9.32 -7.14
C LYS A 54 -11.70 -8.39 -8.25
N PHE A 55 -10.82 -8.06 -9.19
CA PHE A 55 -11.19 -7.17 -10.28
C PHE A 55 -10.80 -7.77 -11.62
N GLN A 56 -11.69 -7.66 -12.59
CA GLN A 56 -11.39 -8.18 -13.92
C GLN A 56 -11.43 -7.07 -14.95
N ASP A 57 -10.37 -6.99 -15.74
CA ASP A 57 -10.25 -6.02 -16.80
C ASP A 57 -9.95 -6.88 -18.01
N GLY A 58 -11.01 -7.37 -18.67
CA GLY A 58 -10.77 -8.27 -19.80
C GLY A 58 -10.27 -9.55 -19.17
N ASP A 59 -9.21 -10.13 -19.71
CA ASP A 59 -8.67 -11.36 -19.14
C ASP A 59 -7.63 -11.07 -18.06
N LEU A 60 -7.48 -9.81 -17.69
CA LEU A 60 -6.53 -9.45 -16.63
C LEU A 60 -7.28 -9.52 -15.30
N THR A 61 -6.88 -10.46 -14.45
CA THR A 61 -7.53 -10.62 -13.14
C THR A 61 -6.65 -9.99 -12.07
N LEU A 62 -7.22 -9.09 -11.28
CA LEU A 62 -6.47 -8.42 -10.24
C LEU A 62 -7.07 -8.57 -8.86
N TYR A 63 -6.21 -8.41 -7.86
CA TYR A 63 -6.58 -8.45 -6.45
C TYR A 63 -5.86 -7.25 -5.85
N GLN A 64 -6.24 -6.85 -4.64
CA GLN A 64 -5.66 -5.70 -3.94
C GLN A 64 -6.34 -4.41 -4.42
N SER A 65 -7.15 -3.82 -3.54
CA SER A 65 -7.89 -2.61 -3.85
C SER A 65 -7.02 -1.48 -4.41
N ASN A 66 -5.84 -1.28 -3.82
CA ASN A 66 -4.97 -0.21 -4.29
C ASN A 66 -4.30 -0.51 -5.62
N THR A 67 -4.19 -1.80 -5.94
CA THR A 67 -3.62 -2.21 -7.23
C THR A 67 -4.65 -1.83 -8.30
N ILE A 68 -5.93 -2.05 -7.98
CA ILE A 68 -7.02 -1.73 -8.89
C ILE A 68 -7.10 -0.22 -9.12
N LEU A 69 -6.96 0.55 -8.04
CA LEU A 69 -6.99 2.01 -8.13
C LEU A 69 -5.83 2.52 -8.98
N ARG A 70 -4.64 1.95 -8.78
CA ARG A 70 -3.48 2.39 -9.54
C ARG A 70 -3.61 1.96 -11.00
N HIS A 71 -4.19 0.79 -11.23
CA HIS A 71 -4.36 0.31 -12.59
C HIS A 71 -5.29 1.25 -13.34
N LEU A 72 -6.43 1.58 -12.74
CA LEU A 72 -7.37 2.50 -13.38
C LEU A 72 -6.75 3.89 -13.49
N GLY A 73 -6.00 4.30 -12.48
CA GLY A 73 -5.38 5.61 -12.53
C GLY A 73 -4.40 5.70 -13.68
N ARG A 74 -3.71 4.59 -13.92
CA ARG A 74 -2.73 4.49 -14.97
C ARG A 74 -3.37 4.46 -16.36
N THR A 75 -4.40 3.62 -16.52
CA THR A 75 -5.07 3.50 -17.82
C THR A 75 -6.02 4.62 -18.16
N LEU A 76 -6.57 5.29 -17.16
CA LEU A 76 -7.50 6.38 -17.42
C LEU A 76 -6.93 7.78 -17.25
N GLY A 77 -5.62 7.87 -17.08
CA GLY A 77 -4.98 9.17 -16.93
C GLY A 77 -5.29 9.94 -15.66
N LEU A 78 -5.27 9.26 -14.52
CA LEU A 78 -5.55 9.90 -13.23
C LEU A 78 -4.38 9.58 -12.30
N TYR A 79 -3.18 9.82 -12.79
CA TYR A 79 -1.96 9.53 -12.04
C TYR A 79 -0.93 10.66 -12.13
N GLY A 80 -1.38 11.90 -12.22
CA GLY A 80 -0.44 13.02 -12.31
C GLY A 80 -0.05 13.37 -13.73
N LYS A 81 0.49 14.57 -13.93
CA LYS A 81 0.88 15.01 -15.27
C LYS A 81 2.31 14.60 -15.64
N ASP A 82 3.11 14.28 -14.63
CA ASP A 82 4.49 13.86 -14.85
C ASP A 82 4.91 12.85 -13.78
N GLN A 83 6.19 12.48 -13.78
CA GLN A 83 6.69 11.50 -12.81
C GLN A 83 6.66 11.99 -11.36
N GLN A 84 6.98 13.27 -11.16
CA GLN A 84 7.00 13.82 -9.82
C GLN A 84 5.59 13.81 -9.21
N GLU A 85 4.59 14.23 -9.97
CA GLU A 85 3.23 14.24 -9.44
C GLU A 85 2.80 12.79 -9.17
N ALA A 86 3.25 11.88 -10.02
CA ALA A 86 2.92 10.47 -9.85
C ALA A 86 3.37 10.03 -8.46
N ALA A 87 4.59 10.40 -8.09
CA ALA A 87 5.14 10.05 -6.77
C ALA A 87 4.30 10.66 -5.64
N LEU A 88 3.92 11.92 -5.81
CA LEU A 88 3.10 12.60 -4.81
C LEU A 88 1.73 11.95 -4.68
N VAL A 89 1.18 11.51 -5.82
CA VAL A 89 -0.13 10.84 -5.83
C VAL A 89 0.00 9.55 -4.99
N ASP A 90 1.09 8.82 -5.17
CA ASP A 90 1.31 7.59 -4.40
C ASP A 90 1.45 7.89 -2.91
N MET A 91 2.18 8.95 -2.60
CA MET A 91 2.40 9.33 -1.21
C MET A 91 1.08 9.65 -0.54
N VAL A 92 0.19 10.30 -1.28
CA VAL A 92 -1.12 10.62 -0.73
C VAL A 92 -1.92 9.33 -0.52
N ASN A 93 -1.97 8.48 -1.56
CA ASN A 93 -2.72 7.22 -1.45
C ASN A 93 -2.20 6.28 -0.36
N ASP A 94 -0.88 6.22 -0.18
CA ASP A 94 -0.34 5.37 0.87
C ASP A 94 -0.75 5.92 2.24
N GLY A 95 -0.82 7.24 2.37
CA GLY A 95 -1.24 7.84 3.62
C GLY A 95 -2.71 7.50 3.87
N VAL A 96 -3.52 7.57 2.82
CA VAL A 96 -4.94 7.25 2.93
C VAL A 96 -5.08 5.79 3.35
N GLU A 97 -4.29 4.93 2.75
CA GLU A 97 -4.32 3.50 3.06
C GLU A 97 -3.99 3.25 4.53
N ASP A 98 -3.00 3.97 5.07
CA ASP A 98 -2.64 3.80 6.48
C ASP A 98 -3.81 4.15 7.40
N LEU A 99 -4.50 5.25 7.12
CA LEU A 99 -5.63 5.61 7.96
C LEU A 99 -6.80 4.67 7.75
N ARG A 100 -6.97 4.18 6.52
CA ARG A 100 -8.07 3.26 6.24
C ARG A 100 -7.84 1.99 7.04
N CYS A 101 -6.57 1.62 7.16
CA CYS A 101 -6.21 0.41 7.90
C CYS A 101 -6.58 0.58 9.37
N LYS A 102 -6.30 1.75 9.94
CA LYS A 102 -6.64 2.01 11.33
C LYS A 102 -8.15 2.01 11.49
N TYR A 103 -8.85 2.60 10.52
CA TYR A 103 -10.30 2.68 10.53
C TYR A 103 -10.90 1.28 10.51
N ILE A 104 -10.43 0.45 9.59
CA ILE A 104 -10.91 -0.92 9.47
C ILE A 104 -10.67 -1.65 10.78
N SER A 105 -9.49 -1.45 11.35
CA SER A 105 -9.14 -2.08 12.62
C SER A 105 -10.17 -1.72 13.70
N LEU A 106 -10.50 -0.44 13.80
CA LEU A 106 -11.48 0.03 14.78
C LEU A 106 -12.84 -0.63 14.56
N ILE A 107 -13.39 -0.42 13.37
CA ILE A 107 -14.69 -0.95 12.99
C ILE A 107 -14.89 -2.45 13.22
N TYR A 108 -13.88 -3.25 12.87
CA TYR A 108 -14.00 -4.70 12.99
C TYR A 108 -13.43 -5.39 14.23
N THR A 109 -12.48 -4.75 14.91
CA THR A 109 -11.90 -5.40 16.08
C THR A 109 -11.98 -4.69 17.42
N ASN A 110 -12.46 -3.46 17.45
CA ASN A 110 -12.54 -2.74 18.72
C ASN A 110 -13.36 -1.46 18.65
N TYR A 111 -14.50 -1.52 17.98
CA TYR A 111 -15.35 -0.34 17.85
C TYR A 111 -15.74 0.20 19.20
N GLU A 112 -16.33 -0.66 20.02
CA GLU A 112 -16.80 -0.30 21.35
C GLU A 112 -15.75 0.40 22.23
N ALA A 113 -14.63 -0.29 22.46
CA ALA A 113 -13.57 0.25 23.32
C ALA A 113 -12.58 1.22 22.70
N GLY A 114 -12.54 1.29 21.37
CA GLY A 114 -11.58 2.18 20.74
C GLY A 114 -12.08 3.49 20.15
N LYS A 115 -13.35 3.52 19.75
CA LYS A 115 -13.92 4.72 19.14
C LYS A 115 -13.53 6.04 19.80
N ASP A 116 -13.68 6.11 21.12
CA ASP A 116 -13.36 7.31 21.87
C ASP A 116 -11.95 7.83 21.56
N ASP A 117 -10.96 6.95 21.70
CA ASP A 117 -9.58 7.34 21.43
C ASP A 117 -9.41 7.73 19.97
N TYR A 118 -9.81 6.82 19.09
CA TYR A 118 -9.70 7.03 17.65
C TYR A 118 -10.19 8.41 17.24
N VAL A 119 -11.34 8.81 17.75
CA VAL A 119 -11.90 10.11 17.41
C VAL A 119 -11.03 11.27 17.91
N LYS A 120 -10.40 11.09 19.06
CA LYS A 120 -9.54 12.13 19.60
C LYS A 120 -8.26 12.20 18.80
N ALA A 121 -7.76 11.04 18.40
CA ALA A 121 -6.53 10.96 17.61
C ALA A 121 -6.79 11.31 16.15
N LEU A 122 -8.05 11.31 15.74
CA LEU A 122 -8.42 11.59 14.36
C LEU A 122 -7.86 12.89 13.78
N PRO A 123 -8.04 14.02 14.49
CA PRO A 123 -7.54 15.30 13.98
C PRO A 123 -6.09 15.24 13.52
N GLY A 124 -5.23 14.62 14.32
CA GLY A 124 -3.84 14.52 13.96
C GLY A 124 -3.61 13.64 12.74
N GLN A 125 -4.57 12.77 12.43
CA GLN A 125 -4.46 11.88 11.28
C GLN A 125 -4.95 12.53 9.99
N LEU A 126 -5.85 13.51 10.11
CA LEU A 126 -6.39 14.20 8.94
C LEU A 126 -5.57 15.42 8.52
N LYS A 127 -4.93 16.06 9.49
CA LYS A 127 -4.13 17.25 9.23
C LYS A 127 -3.17 17.14 8.05
N PRO A 128 -2.47 16.01 7.92
CA PRO A 128 -1.53 15.88 6.79
C PRO A 128 -2.19 16.15 5.44
N PHE A 129 -3.44 15.74 5.28
CA PHE A 129 -4.16 15.94 4.03
C PHE A 129 -4.61 17.40 3.89
N GLU A 130 -4.87 18.06 5.02
CA GLU A 130 -5.25 19.47 5.00
C GLU A 130 -4.00 20.24 4.56
N THR A 131 -2.87 19.84 5.12
CA THR A 131 -1.59 20.46 4.80
C THR A 131 -1.28 20.32 3.31
N LEU A 132 -1.48 19.12 2.78
CA LEU A 132 -1.23 18.90 1.37
C LEU A 132 -2.08 19.84 0.51
N LEU A 133 -3.36 19.95 0.83
CA LEU A 133 -4.23 20.83 0.08
C LEU A 133 -3.79 22.29 0.12
N SER A 134 -3.38 22.76 1.29
CA SER A 134 -2.96 24.15 1.44
C SER A 134 -1.71 24.49 0.63
N GLN A 135 -0.90 23.49 0.32
CA GLN A 135 0.32 23.71 -0.45
C GLN A 135 0.11 23.46 -1.93
N ASN A 136 -1.14 23.26 -2.34
CA ASN A 136 -1.47 23.03 -3.74
C ASN A 136 -2.60 23.95 -4.19
N GLN A 137 -2.25 25.09 -4.75
CA GLN A 137 -3.24 26.07 -5.23
C GLN A 137 -4.20 26.49 -4.13
N GLY A 138 -3.73 26.57 -2.90
CA GLY A 138 -4.60 26.96 -1.80
C GLY A 138 -5.72 25.98 -1.51
N GLY A 139 -5.57 24.74 -1.99
CA GLY A 139 -6.58 23.73 -1.76
C GLY A 139 -7.84 23.88 -2.60
N LYS A 140 -7.74 24.66 -3.68
CA LYS A 140 -8.88 24.91 -4.54
C LYS A 140 -9.10 23.93 -5.70
N THR A 141 -8.14 23.04 -5.93
CA THR A 141 -8.26 22.08 -7.01
C THR A 141 -8.36 20.64 -6.50
N PHE A 142 -7.26 19.91 -6.60
CA PHE A 142 -7.24 18.53 -6.16
C PHE A 142 -6.13 18.30 -5.15
N ILE A 143 -6.00 17.06 -4.68
CA ILE A 143 -4.98 16.76 -3.69
C ILE A 143 -3.57 16.88 -4.29
N VAL A 144 -3.43 16.56 -5.57
CA VAL A 144 -2.14 16.68 -6.24
C VAL A 144 -2.31 17.29 -7.63
N GLY A 145 -1.54 18.33 -7.93
CA GLY A 145 -1.63 18.97 -9.22
C GLY A 145 -2.96 19.65 -9.47
N ASP A 146 -3.26 19.88 -10.75
CA ASP A 146 -4.50 20.56 -11.10
C ASP A 146 -5.50 19.66 -11.83
N GLN A 147 -5.25 18.36 -11.82
CA GLN A 147 -6.14 17.40 -12.45
C GLN A 147 -6.42 16.30 -11.41
N ILE A 148 -7.63 15.74 -11.43
CA ILE A 148 -7.99 14.70 -10.47
C ILE A 148 -7.15 13.43 -10.66
N SER A 149 -6.92 12.70 -9.57
CA SER A 149 -6.13 11.45 -9.60
C SER A 149 -6.88 10.36 -8.83
N PHE A 150 -6.42 9.11 -8.90
CA PHE A 150 -7.09 8.04 -8.17
C PHE A 150 -6.99 8.28 -6.66
N ALA A 151 -5.97 9.01 -6.23
CA ALA A 151 -5.81 9.30 -4.81
C ALA A 151 -6.95 10.21 -4.32
N ASP A 152 -7.46 11.05 -5.21
CA ASP A 152 -8.57 11.94 -4.84
C ASP A 152 -9.78 11.10 -4.46
N TYR A 153 -10.10 10.10 -5.29
CA TYR A 153 -11.25 9.27 -5.00
C TYR A 153 -11.09 8.50 -3.70
N ASN A 154 -9.88 8.01 -3.44
CA ASN A 154 -9.63 7.26 -2.22
C ASN A 154 -9.78 8.19 -1.02
N LEU A 155 -9.12 9.35 -1.06
CA LEU A 155 -9.21 10.31 0.04
C LEU A 155 -10.66 10.71 0.26
N LEU A 156 -11.38 11.02 -0.82
CA LEU A 156 -12.78 11.41 -0.70
C LEU A 156 -13.57 10.38 0.11
N ASP A 157 -13.42 9.11 -0.23
CA ASP A 157 -14.13 8.06 0.49
C ASP A 157 -13.71 8.04 1.95
N LEU A 158 -12.40 8.12 2.19
CA LEU A 158 -11.86 8.13 3.53
C LEU A 158 -12.55 9.24 4.34
N LEU A 159 -12.67 10.42 3.74
CA LEU A 159 -13.29 11.56 4.41
C LEU A 159 -14.78 11.38 4.60
N LEU A 160 -15.45 10.74 3.64
CA LEU A 160 -16.89 10.53 3.75
C LEU A 160 -17.25 9.56 4.86
N ILE A 161 -16.51 8.48 4.99
CA ILE A 161 -16.82 7.51 6.04
C ILE A 161 -16.44 8.05 7.40
N HIS A 162 -15.44 8.90 7.46
CA HIS A 162 -15.06 9.46 8.75
C HIS A 162 -16.08 10.51 9.21
N GLU A 163 -16.78 11.13 8.27
CA GLU A 163 -17.79 12.11 8.63
C GLU A 163 -18.97 11.39 9.26
N VAL A 164 -19.17 10.13 8.88
CA VAL A 164 -20.26 9.33 9.44
C VAL A 164 -19.82 8.80 10.81
N LEU A 165 -18.56 8.41 10.91
CA LEU A 165 -18.02 7.89 12.16
C LEU A 165 -17.90 8.98 13.22
N ALA A 166 -17.52 10.18 12.79
CA ALA A 166 -17.34 11.31 13.68
C ALA A 166 -17.88 12.58 13.05
N PRO A 167 -19.21 12.76 13.05
CA PRO A 167 -19.84 13.95 12.47
C PRO A 167 -19.12 15.26 12.83
N GLY A 168 -18.85 16.06 11.80
CA GLY A 168 -18.18 17.33 12.01
C GLY A 168 -16.67 17.30 12.16
N CYS A 169 -16.06 16.13 12.03
CA CYS A 169 -14.62 16.02 12.17
C CYS A 169 -13.89 16.94 11.20
N LEU A 170 -14.55 17.29 10.10
CA LEU A 170 -13.93 18.18 9.13
C LEU A 170 -14.10 19.67 9.41
N ASP A 171 -14.87 20.02 10.44
CA ASP A 171 -15.04 21.44 10.76
C ASP A 171 -13.72 22.06 11.16
N ALA A 172 -12.77 21.22 11.57
CA ALA A 172 -11.45 21.71 11.98
C ALA A 172 -10.51 21.84 10.78
N PHE A 173 -11.01 21.47 9.60
CA PHE A 173 -10.20 21.51 8.39
C PHE A 173 -11.00 22.12 7.24
N PRO A 174 -10.95 23.45 7.11
CA PRO A 174 -11.66 24.19 6.06
C PRO A 174 -11.41 23.70 4.63
N LEU A 175 -10.15 23.43 4.30
CA LEU A 175 -9.82 22.97 2.95
C LEU A 175 -10.39 21.58 2.65
N LEU A 176 -10.24 20.65 3.59
CA LEU A 176 -10.76 19.30 3.37
C LEU A 176 -12.28 19.35 3.21
N SER A 177 -12.93 20.19 4.01
CA SER A 177 -14.37 20.35 3.95
C SER A 177 -14.83 20.83 2.58
N ALA A 178 -14.27 21.95 2.13
CA ALA A 178 -14.64 22.50 0.84
C ALA A 178 -14.32 21.45 -0.23
N TYR A 179 -13.24 20.71 -0.01
CA TYR A 179 -12.78 19.67 -0.92
C TYR A 179 -13.87 18.61 -1.11
N VAL A 180 -14.39 18.08 -0.01
CA VAL A 180 -15.44 17.08 -0.07
C VAL A 180 -16.66 17.60 -0.82
N GLY A 181 -17.07 18.82 -0.48
CA GLY A 181 -18.23 19.40 -1.14
C GLY A 181 -18.00 19.59 -2.63
N ARG A 182 -16.80 20.02 -2.98
CA ARG A 182 -16.45 20.25 -4.37
C ARG A 182 -16.41 18.95 -5.19
N LEU A 183 -15.69 17.94 -4.70
CA LEU A 183 -15.61 16.68 -5.45
C LEU A 183 -16.96 15.98 -5.50
N SER A 184 -17.69 16.01 -4.38
CA SER A 184 -19.01 15.39 -4.29
C SER A 184 -20.00 16.10 -5.21
N ALA A 185 -19.63 17.27 -5.74
CA ALA A 185 -20.52 18.02 -6.61
C ALA A 185 -20.37 17.62 -8.08
N ARG A 186 -19.20 17.08 -8.44
CA ARG A 186 -18.99 16.65 -9.81
C ARG A 186 -20.24 15.88 -10.27
N PRO A 187 -20.83 16.28 -11.40
CA PRO A 187 -22.03 15.69 -12.00
C PRO A 187 -22.18 14.17 -11.96
N LYS A 188 -21.28 13.45 -12.61
CA LYS A 188 -21.35 11.99 -12.64
C LYS A 188 -21.19 11.38 -11.25
N LEU A 189 -20.29 11.95 -10.44
CA LEU A 189 -20.06 11.43 -9.10
C LEU A 189 -21.24 11.72 -8.17
N LYS A 190 -21.83 12.91 -8.29
CA LYS A 190 -22.96 13.26 -7.43
C LYS A 190 -24.12 12.31 -7.70
N ALA A 191 -24.40 12.06 -8.98
CA ALA A 191 -25.49 11.16 -9.35
C ALA A 191 -25.20 9.76 -8.79
N PHE A 192 -23.95 9.32 -8.88
CA PHE A 192 -23.59 8.00 -8.38
C PHE A 192 -23.79 7.88 -6.87
N LEU A 193 -23.31 8.87 -6.12
CA LEU A 193 -23.44 8.84 -4.66
C LEU A 193 -24.89 8.86 -4.18
N ALA A 194 -25.79 9.41 -4.99
CA ALA A 194 -27.20 9.48 -4.62
C ALA A 194 -28.00 8.28 -5.12
N SER A 195 -27.38 7.46 -5.97
CA SER A 195 -28.05 6.28 -6.54
C SER A 195 -28.12 5.11 -5.57
N PRO A 196 -29.17 4.28 -5.71
CA PRO A 196 -29.36 3.11 -4.84
C PRO A 196 -28.15 2.18 -4.84
N GLU A 197 -27.45 2.13 -5.98
CA GLU A 197 -26.26 1.30 -6.15
C GLU A 197 -25.25 1.55 -5.03
N TYR A 198 -25.16 2.80 -4.62
CA TYR A 198 -24.23 3.22 -3.57
C TYR A 198 -24.93 3.31 -2.21
N VAL A 199 -26.04 4.03 -2.18
CA VAL A 199 -26.79 4.24 -0.94
C VAL A 199 -27.31 3.00 -0.25
N ASN A 200 -27.78 2.02 -1.02
CA ASN A 200 -28.32 0.81 -0.42
C ASN A 200 -27.29 -0.23 -0.01
N LEU A 201 -26.03 0.18 -0.04
CA LEU A 201 -24.95 -0.70 0.36
C LEU A 201 -24.39 -0.12 1.64
N PRO A 202 -24.19 -0.95 2.68
CA PRO A 202 -23.65 -0.42 3.93
C PRO A 202 -22.16 -0.12 3.74
N ILE A 203 -21.62 0.77 4.56
CA ILE A 203 -20.21 1.13 4.47
C ILE A 203 -19.34 -0.08 4.76
N ASN A 204 -19.65 -0.76 5.86
CA ASN A 204 -18.90 -1.93 6.28
C ASN A 204 -19.76 -3.19 6.30
N GLY A 205 -19.13 -4.34 6.52
CA GLY A 205 -19.86 -5.59 6.53
C GLY A 205 -20.37 -6.09 7.87
N ASN A 206 -20.04 -5.38 8.95
CA ASN A 206 -20.46 -5.79 10.29
C ASN A 206 -21.49 -4.83 10.87
N GLY A 207 -22.09 -4.01 10.02
CA GLY A 207 -23.11 -3.08 10.47
C GLY A 207 -22.64 -1.87 11.25
N LYS A 208 -21.35 -1.81 11.58
CA LYS A 208 -20.83 -0.67 12.33
C LYS A 208 -20.33 0.42 11.40
N GLN A 209 -20.41 1.66 11.87
CA GLN A 209 -19.96 2.82 11.11
C GLN A 209 -19.79 4.03 12.02
N PRO B 2 22.53 11.77 -5.54
CA PRO B 2 21.36 12.67 -5.43
C PRO B 2 20.28 12.07 -4.53
N TYR B 3 20.55 10.90 -3.98
CA TYR B 3 19.59 10.22 -3.12
C TYR B 3 19.96 10.24 -1.64
N THR B 4 18.97 10.54 -0.81
CA THR B 4 19.17 10.55 0.63
C THR B 4 18.06 9.75 1.31
N VAL B 5 18.47 8.81 2.17
CA VAL B 5 17.55 7.98 2.92
C VAL B 5 17.65 8.38 4.39
N VAL B 6 16.53 8.86 4.95
CA VAL B 6 16.47 9.27 6.36
C VAL B 6 15.69 8.21 7.12
N TYR B 7 16.37 7.48 8.00
CA TYR B 7 15.71 6.41 8.74
C TYR B 7 16.46 6.07 10.02
N PHE B 8 15.86 5.22 10.84
CA PHE B 8 16.48 4.79 12.08
C PHE B 8 17.55 3.77 11.71
N PRO B 9 18.45 3.47 12.65
CA PRO B 9 19.51 2.49 12.36
C PRO B 9 19.03 1.04 12.35
N VAL B 10 18.19 0.71 11.38
CA VAL B 10 17.66 -0.64 11.22
C VAL B 10 17.39 -0.89 9.74
N ARG B 11 17.22 -2.14 9.36
CA ARG B 11 16.93 -2.46 7.97
C ARG B 11 15.48 -2.09 7.74
N GLY B 12 14.60 -2.70 8.53
CA GLY B 12 13.16 -2.42 8.46
C GLY B 12 12.59 -2.10 7.10
N ARG B 13 11.86 -0.99 7.03
CA ARG B 13 11.22 -0.57 5.78
C ARG B 13 12.14 0.05 4.73
N CYS B 14 13.45 0.05 4.97
CA CYS B 14 14.38 0.62 4.01
C CYS B 14 15.28 -0.43 3.35
N ALA B 15 15.22 -1.66 3.85
CA ALA B 15 16.05 -2.74 3.31
C ALA B 15 15.83 -2.97 1.82
N ALA B 16 14.56 -3.05 1.42
CA ALA B 16 14.21 -3.29 0.01
C ALA B 16 14.70 -2.16 -0.90
N LEU B 17 14.40 -0.92 -0.53
CA LEU B 17 14.81 0.21 -1.36
C LEU B 17 16.34 0.34 -1.41
N ARG B 18 17.00 -0.02 -0.32
CA ARG B 18 18.45 0.03 -0.28
C ARG B 18 19.02 -1.02 -1.22
N MET B 19 18.41 -2.20 -1.22
CA MET B 19 18.88 -3.26 -2.10
C MET B 19 18.70 -2.82 -3.54
N LEU B 20 17.54 -2.24 -3.83
CA LEU B 20 17.25 -1.76 -5.17
C LEU B 20 18.32 -0.75 -5.59
N LEU B 21 18.56 0.24 -4.73
CA LEU B 21 19.55 1.26 -5.02
C LEU B 21 20.92 0.65 -5.30
N ALA B 22 21.37 -0.23 -4.42
CA ALA B 22 22.67 -0.88 -4.58
C ALA B 22 22.73 -1.75 -5.83
N ASP B 23 21.73 -2.60 -6.02
CA ASP B 23 21.70 -3.49 -7.17
C ASP B 23 21.70 -2.70 -8.47
N GLN B 24 21.05 -1.54 -8.46
CA GLN B 24 20.97 -0.69 -9.64
C GLN B 24 22.16 0.24 -9.78
N GLY B 25 23.17 0.03 -8.95
CA GLY B 25 24.38 0.83 -9.01
C GLY B 25 24.18 2.32 -8.77
N GLN B 26 23.23 2.67 -7.92
CA GLN B 26 22.98 4.06 -7.62
C GLN B 26 23.69 4.39 -6.33
N SER B 27 24.05 5.66 -6.15
CA SER B 27 24.72 6.08 -4.93
C SER B 27 23.73 6.89 -4.12
N TRP B 28 23.83 6.79 -2.80
CA TRP B 28 22.92 7.54 -1.94
C TRP B 28 23.56 7.83 -0.60
N LYS B 29 22.96 8.76 0.13
CA LYS B 29 23.44 9.13 1.44
C LYS B 29 22.49 8.58 2.48
N GLU B 30 23.05 8.05 3.56
CA GLU B 30 22.23 7.52 4.65
C GLU B 30 22.26 8.56 5.75
N GLU B 31 21.09 9.04 6.14
CA GLU B 31 21.03 10.01 7.23
C GLU B 31 20.40 9.26 8.39
N VAL B 32 21.23 8.77 9.29
CA VAL B 32 20.77 8.01 10.45
C VAL B 32 20.09 8.87 11.50
N VAL B 33 18.94 8.42 11.98
CA VAL B 33 18.18 9.13 12.99
C VAL B 33 18.18 8.30 14.28
N THR B 34 18.86 8.79 15.30
CA THR B 34 18.94 8.07 16.58
C THR B 34 17.67 8.25 17.39
N VAL B 35 17.49 7.38 18.38
CA VAL B 35 16.32 7.43 19.25
C VAL B 35 16.23 8.79 19.93
N GLU B 36 17.37 9.30 20.39
CA GLU B 36 17.41 10.58 21.05
C GLU B 36 16.98 11.70 20.11
N THR B 37 17.42 11.61 18.85
CA THR B 37 17.08 12.61 17.85
C THR B 37 15.59 12.58 17.59
N TRP B 38 15.05 11.38 17.40
CA TRP B 38 13.63 11.21 17.12
C TRP B 38 12.77 11.73 18.27
N GLN B 39 13.08 11.26 19.47
CA GLN B 39 12.33 11.66 20.66
C GLN B 39 12.38 13.17 20.89
N GLU B 40 13.36 13.82 20.27
CA GLU B 40 13.51 15.27 20.39
C GLU B 40 12.24 15.92 19.83
N GLY B 41 11.58 15.22 18.89
CA GLY B 41 10.34 15.71 18.32
C GLY B 41 10.37 16.66 17.13
N SER B 42 11.51 17.31 16.89
CA SER B 42 11.60 18.25 15.78
C SER B 42 11.45 17.59 14.42
N LEU B 43 12.23 16.55 14.17
CA LEU B 43 12.18 15.83 12.91
C LEU B 43 10.79 15.24 12.69
N LYS B 44 10.30 14.50 13.67
CA LYS B 44 8.98 13.88 13.58
C LYS B 44 7.90 14.88 13.19
N ALA B 45 7.87 16.02 13.88
CA ALA B 45 6.87 17.04 13.59
C ALA B 45 6.93 17.47 12.13
N SER B 46 8.14 17.53 11.56
CA SER B 46 8.31 17.95 10.17
C SER B 46 7.94 16.87 9.14
N CYS B 47 7.83 15.63 9.57
CA CYS B 47 7.47 14.55 8.66
C CYS B 47 5.99 14.61 8.31
N LEU B 48 5.68 14.45 7.02
CA LEU B 48 4.29 14.52 6.56
C LEU B 48 3.31 13.69 7.37
N TYR B 49 3.67 12.43 7.64
CA TYR B 49 2.81 11.55 8.42
C TYR B 49 3.44 11.24 9.78
N GLY B 50 4.37 12.10 10.18
CA GLY B 50 5.04 11.94 11.46
C GLY B 50 5.88 10.69 11.56
N GLN B 51 6.29 10.14 10.42
CA GLN B 51 7.07 8.92 10.42
C GLN B 51 8.21 8.89 9.40
N LEU B 52 9.02 7.84 9.50
CA LEU B 52 10.12 7.61 8.60
C LEU B 52 9.83 6.27 7.91
N PRO B 53 10.53 5.96 6.81
CA PRO B 53 11.56 6.74 6.16
C PRO B 53 11.12 8.01 5.44
N LYS B 54 12.12 8.87 5.21
CA LYS B 54 11.97 10.12 4.50
C LYS B 54 12.97 9.94 3.36
N PHE B 55 12.60 10.35 2.16
CA PHE B 55 13.48 10.18 1.01
C PHE B 55 13.63 11.49 0.26
N GLN B 56 14.85 11.76 -0.19
CA GLN B 56 15.11 12.99 -0.93
C GLN B 56 15.65 12.63 -2.31
N ASP B 57 15.09 13.25 -3.34
CA ASP B 57 15.52 13.03 -4.71
C ASP B 57 15.64 14.41 -5.35
N GLY B 58 16.73 15.11 -5.03
CA GLY B 58 16.95 16.44 -5.58
C GLY B 58 15.72 17.33 -5.63
N ASP B 59 15.44 18.02 -4.53
CA ASP B 59 14.30 18.92 -4.44
C ASP B 59 12.97 18.22 -4.18
N LEU B 60 12.87 16.95 -4.57
CA LEU B 60 11.65 16.19 -4.32
C LEU B 60 11.79 15.47 -2.98
N THR B 61 10.80 15.64 -2.10
CA THR B 61 10.85 14.99 -0.80
C THR B 61 9.69 14.00 -0.70
N LEU B 62 10.01 12.75 -0.37
CA LEU B 62 8.98 11.72 -0.26
C LEU B 62 8.94 11.00 1.09
N TYR B 63 7.75 10.50 1.40
CA TYR B 63 7.51 9.72 2.61
C TYR B 63 6.79 8.46 2.15
N GLN B 64 6.69 7.46 3.02
CA GLN B 64 6.04 6.18 2.69
C GLN B 64 7.00 5.30 1.88
N SER B 65 7.47 4.23 2.51
CA SER B 65 8.41 3.31 1.87
C SER B 65 7.98 2.81 0.49
N ASN B 66 6.71 2.46 0.34
CA ASN B 66 6.23 1.96 -0.96
C ASN B 66 6.15 3.06 -2.02
N THR B 67 5.98 4.30 -1.59
CA THR B 67 5.93 5.41 -2.53
C THR B 67 7.34 5.57 -3.09
N ILE B 68 8.33 5.44 -2.20
CA ILE B 68 9.72 5.55 -2.60
C ILE B 68 10.09 4.42 -3.56
N LEU B 69 9.64 3.21 -3.24
CA LEU B 69 9.91 2.06 -4.10
C LEU B 69 9.29 2.29 -5.47
N ARG B 70 8.04 2.71 -5.50
CA ARG B 70 7.36 2.95 -6.77
C ARG B 70 8.02 4.09 -7.55
N HIS B 71 8.48 5.11 -6.84
CA HIS B 71 9.14 6.24 -7.48
C HIS B 71 10.42 5.77 -8.19
N LEU B 72 11.23 5.00 -7.47
CA LEU B 72 12.47 4.47 -8.03
C LEU B 72 12.16 3.50 -9.16
N GLY B 73 11.14 2.67 -8.96
CA GLY B 73 10.78 1.71 -9.99
C GLY B 73 10.33 2.43 -11.24
N ARG B 74 9.68 3.57 -11.06
CA ARG B 74 9.18 4.36 -12.17
C ARG B 74 10.31 5.13 -12.89
N THR B 75 11.20 5.74 -12.12
CA THR B 75 12.29 6.50 -12.71
C THR B 75 13.46 5.67 -13.20
N LEU B 76 13.62 4.47 -12.65
CA LEU B 76 14.71 3.61 -13.06
C LEU B 76 14.27 2.49 -14.00
N GLY B 77 12.99 2.49 -14.36
CA GLY B 77 12.49 1.48 -15.28
C GLY B 77 12.39 0.10 -14.65
N LEU B 78 11.89 0.04 -13.42
CA LEU B 78 11.74 -1.22 -12.71
C LEU B 78 10.26 -1.39 -12.39
N TYR B 79 9.41 -1.22 -13.41
CA TYR B 79 7.96 -1.31 -13.21
C TYR B 79 7.24 -2.09 -14.29
N GLY B 80 7.88 -3.13 -14.82
CA GLY B 80 7.24 -3.92 -15.86
C GLY B 80 7.37 -3.28 -17.23
N LYS B 81 7.07 -4.04 -18.28
CA LYS B 81 7.20 -3.52 -19.64
C LYS B 81 6.02 -2.66 -20.10
N ASP B 82 4.84 -2.94 -19.55
CA ASP B 82 3.64 -2.20 -19.94
C ASP B 82 2.66 -2.07 -18.77
N GLN B 83 1.54 -1.43 -19.03
CA GLN B 83 0.51 -1.22 -18.02
C GLN B 83 0.04 -2.51 -17.38
N GLN B 84 -0.08 -3.56 -18.19
CA GLN B 84 -0.52 -4.84 -17.68
C GLN B 84 0.47 -5.39 -16.66
N GLU B 85 1.76 -5.36 -16.99
CA GLU B 85 2.76 -5.87 -16.05
C GLU B 85 2.84 -4.94 -14.84
N ALA B 86 2.64 -3.65 -15.06
CA ALA B 86 2.67 -2.67 -13.99
C ALA B 86 1.62 -2.99 -12.91
N ALA B 87 0.45 -3.44 -13.36
CA ALA B 87 -0.61 -3.79 -12.43
C ALA B 87 -0.21 -5.06 -11.67
N LEU B 88 0.47 -5.98 -12.35
CA LEU B 88 0.90 -7.22 -11.71
C LEU B 88 1.97 -6.90 -10.66
N VAL B 89 2.88 -6.00 -11.00
CA VAL B 89 3.92 -5.59 -10.07
C VAL B 89 3.27 -5.04 -8.80
N ASP B 90 2.30 -4.14 -8.96
CA ASP B 90 1.60 -3.55 -7.82
C ASP B 90 0.91 -4.63 -6.99
N MET B 91 0.27 -5.57 -7.67
CA MET B 91 -0.42 -6.65 -6.99
C MET B 91 0.54 -7.47 -6.12
N VAL B 92 1.76 -7.66 -6.62
CA VAL B 92 2.77 -8.40 -5.85
C VAL B 92 3.24 -7.52 -4.69
N ASN B 93 3.57 -6.27 -4.97
CA ASN B 93 4.05 -5.38 -3.91
C ASN B 93 3.04 -5.21 -2.77
N ASP B 94 1.77 -5.02 -3.12
CA ASP B 94 0.74 -4.86 -2.11
C ASP B 94 0.64 -6.16 -1.30
N GLY B 95 0.82 -7.29 -1.98
CA GLY B 95 0.78 -8.56 -1.28
C GLY B 95 1.96 -8.61 -0.31
N VAL B 96 3.13 -8.18 -0.78
CA VAL B 96 4.31 -8.18 0.07
C VAL B 96 4.05 -7.26 1.26
N GLU B 97 3.47 -6.10 0.98
CA GLU B 97 3.17 -5.13 2.02
C GLU B 97 2.22 -5.69 3.08
N ASP B 98 1.19 -6.43 2.66
CA ASP B 98 0.26 -7.00 3.63
C ASP B 98 0.96 -7.97 4.58
N LEU B 99 1.82 -8.82 4.04
CA LEU B 99 2.51 -9.77 4.91
C LEU B 99 3.53 -9.00 5.77
N ARG B 100 4.15 -7.97 5.20
CA ARG B 100 5.11 -7.19 5.97
C ARG B 100 4.40 -6.54 7.15
N CYS B 101 3.14 -6.14 6.94
CA CYS B 101 2.35 -5.50 7.99
C CYS B 101 2.14 -6.48 9.14
N LYS B 102 1.77 -7.71 8.80
CA LYS B 102 1.54 -8.75 9.80
C LYS B 102 2.85 -9.05 10.54
N TYR B 103 3.94 -9.16 9.79
CA TYR B 103 5.25 -9.43 10.36
C TYR B 103 5.58 -8.38 11.42
N ILE B 104 5.46 -7.12 11.01
CA ILE B 104 5.74 -5.99 11.88
C ILE B 104 4.86 -6.02 13.12
N SER B 105 3.59 -6.34 12.92
CA SER B 105 2.66 -6.42 14.04
C SER B 105 3.17 -7.45 15.04
N LEU B 106 3.58 -8.61 14.52
CA LEU B 106 4.10 -9.67 15.37
C LEU B 106 5.29 -9.18 16.19
N ILE B 107 6.34 -8.76 15.48
CA ILE B 107 7.58 -8.27 16.08
C ILE B 107 7.42 -7.24 17.20
N TYR B 108 6.61 -6.22 16.96
CA TYR B 108 6.43 -5.14 17.92
C TYR B 108 5.27 -5.18 18.93
N THR B 109 4.27 -6.04 18.70
CA THR B 109 3.15 -6.06 19.62
C THR B 109 2.75 -7.40 20.22
N ASN B 110 3.19 -8.49 19.62
CA ASN B 110 2.81 -9.80 20.14
C ASN B 110 3.77 -10.91 19.74
N TYR B 111 5.06 -10.63 19.80
CA TYR B 111 6.06 -11.62 19.42
C TYR B 111 5.97 -12.92 20.21
N GLU B 112 6.21 -12.84 21.51
CA GLU B 112 6.18 -14.01 22.37
C GLU B 112 4.95 -14.90 22.23
N ALA B 113 3.80 -14.36 22.57
CA ALA B 113 2.54 -15.13 22.53
C ALA B 113 1.97 -15.39 21.14
N GLY B 114 2.42 -14.66 20.13
CA GLY B 114 1.86 -14.85 18.80
C GLY B 114 2.74 -15.51 17.75
N LYS B 115 4.02 -15.70 18.04
CA LYS B 115 4.92 -16.30 17.05
C LYS B 115 4.48 -17.68 16.61
N ASP B 116 3.99 -18.48 17.55
CA ASP B 116 3.57 -19.84 17.22
C ASP B 116 2.51 -19.87 16.12
N ASP B 117 1.46 -19.07 16.30
CA ASP B 117 0.38 -19.01 15.32
C ASP B 117 0.89 -18.46 13.99
N TYR B 118 1.63 -17.36 14.06
CA TYR B 118 2.18 -16.72 12.88
C TYR B 118 2.93 -17.71 11.99
N VAL B 119 3.87 -18.44 12.58
CA VAL B 119 4.68 -19.40 11.84
C VAL B 119 3.85 -20.53 11.26
N LYS B 120 2.83 -20.98 11.98
CA LYS B 120 1.98 -22.05 11.49
C LYS B 120 1.17 -21.59 10.29
N ALA B 121 0.85 -20.30 10.23
CA ALA B 121 0.07 -19.74 9.12
C ALA B 121 0.99 -19.28 7.99
N LEU B 122 2.28 -19.16 8.28
CA LEU B 122 3.25 -18.70 7.30
C LEU B 122 3.23 -19.40 5.94
N PRO B 123 3.17 -20.73 5.91
CA PRO B 123 3.15 -21.42 4.62
C PRO B 123 2.03 -20.92 3.71
N GLY B 124 0.85 -20.71 4.28
CA GLY B 124 -0.28 -20.22 3.53
C GLY B 124 -0.08 -18.79 3.06
N GLN B 125 0.78 -18.05 3.76
CA GLN B 125 1.05 -16.67 3.40
C GLN B 125 2.12 -16.56 2.31
N LEU B 126 2.94 -17.59 2.18
CA LEU B 126 4.01 -17.59 1.19
C LEU B 126 3.63 -18.25 -0.13
N LYS B 127 2.76 -19.25 -0.05
CA LYS B 127 2.31 -19.99 -1.22
C LYS B 127 1.93 -19.13 -2.43
N PRO B 128 1.22 -18.01 -2.20
CA PRO B 128 0.82 -17.14 -3.32
C PRO B 128 2.00 -16.70 -4.19
N PHE B 129 3.13 -16.39 -3.56
CA PHE B 129 4.30 -15.95 -4.30
C PHE B 129 4.94 -17.09 -5.09
N GLU B 130 4.82 -18.31 -4.59
CA GLU B 130 5.36 -19.49 -5.29
C GLU B 130 4.50 -19.67 -6.53
N THR B 131 3.18 -19.52 -6.35
CA THR B 131 2.24 -19.65 -7.46
C THR B 131 2.51 -18.62 -8.55
N LEU B 132 2.78 -17.38 -8.15
CA LEU B 132 3.05 -16.33 -9.12
C LEU B 132 4.28 -16.69 -9.95
N LEU B 133 5.33 -17.16 -9.28
CA LEU B 133 6.53 -17.57 -9.99
C LEU B 133 6.22 -18.71 -10.95
N SER B 134 5.42 -19.67 -10.50
CA SER B 134 5.06 -20.81 -11.32
C SER B 134 4.32 -20.46 -12.60
N GLN B 135 3.70 -19.28 -12.64
CA GLN B 135 2.95 -18.87 -13.81
C GLN B 135 3.69 -17.83 -14.64
N ASN B 136 4.97 -17.64 -14.34
CA ASN B 136 5.78 -16.68 -15.09
C ASN B 136 7.09 -17.32 -15.51
N GLN B 137 7.10 -17.85 -16.74
CA GLN B 137 8.30 -18.49 -17.28
C GLN B 137 8.89 -19.52 -16.32
N GLY B 138 8.01 -20.36 -15.77
CA GLY B 138 8.45 -21.41 -14.85
C GLY B 138 9.20 -20.91 -13.63
N GLY B 139 9.02 -19.63 -13.31
CA GLY B 139 9.68 -19.06 -12.15
C GLY B 139 11.18 -18.91 -12.29
N LYS B 140 11.66 -18.90 -13.53
CA LYS B 140 13.08 -18.78 -13.79
C LYS B 140 13.59 -17.36 -13.96
N THR B 141 12.69 -16.40 -14.07
CA THR B 141 13.12 -15.02 -14.24
C THR B 141 12.86 -14.14 -13.01
N PHE B 142 11.79 -13.36 -13.05
CA PHE B 142 11.45 -12.48 -11.94
C PHE B 142 10.02 -12.68 -11.48
N ILE B 143 9.58 -11.93 -10.47
CA ILE B 143 8.23 -12.12 -9.97
C ILE B 143 7.19 -11.71 -11.03
N VAL B 144 7.55 -10.74 -11.88
CA VAL B 144 6.68 -10.28 -12.97
C VAL B 144 7.51 -9.98 -14.22
N GLY B 145 7.12 -10.56 -15.35
CA GLY B 145 7.82 -10.31 -16.59
C GLY B 145 9.24 -10.86 -16.67
N ASP B 146 10.03 -10.32 -17.60
CA ASP B 146 11.40 -10.79 -17.81
C ASP B 146 12.47 -9.84 -17.28
N GLN B 147 12.05 -8.81 -16.53
CA GLN B 147 13.00 -7.85 -15.96
C GLN B 147 12.67 -7.63 -14.49
N ILE B 148 13.68 -7.26 -13.72
CA ILE B 148 13.49 -7.04 -12.29
C ILE B 148 12.65 -5.79 -12.07
N SER B 149 11.78 -5.85 -11.07
CA SER B 149 10.91 -4.72 -10.75
C SER B 149 11.14 -4.37 -9.29
N PHE B 150 10.65 -3.21 -8.85
CA PHE B 150 10.83 -2.82 -7.45
C PHE B 150 10.17 -3.86 -6.55
N ALA B 151 9.17 -4.57 -7.06
CA ALA B 151 8.49 -5.59 -6.29
C ALA B 151 9.41 -6.78 -5.96
N ASP B 152 10.40 -7.04 -6.82
CA ASP B 152 11.35 -8.14 -6.59
C ASP B 152 12.20 -7.88 -5.34
N TYR B 153 12.67 -6.64 -5.20
CA TYR B 153 13.50 -6.30 -4.05
C TYR B 153 12.69 -6.37 -2.77
N ASN B 154 11.44 -5.91 -2.82
CA ASN B 154 10.58 -5.94 -1.65
C ASN B 154 10.28 -7.41 -1.28
N LEU B 155 9.94 -8.22 -2.28
CA LEU B 155 9.65 -9.64 -2.03
C LEU B 155 10.90 -10.34 -1.49
N LEU B 156 12.04 -10.05 -2.09
CA LEU B 156 13.29 -10.65 -1.67
C LEU B 156 13.54 -10.36 -0.19
N ASP B 157 13.42 -9.10 0.20
CA ASP B 157 13.63 -8.75 1.60
C ASP B 157 12.66 -9.51 2.50
N LEU B 158 11.39 -9.50 2.11
CA LEU B 158 10.34 -10.18 2.86
C LEU B 158 10.72 -11.64 3.10
N LEU B 159 11.21 -12.29 2.05
CA LEU B 159 11.59 -13.69 2.15
C LEU B 159 12.82 -13.84 3.05
N LEU B 160 13.80 -12.96 2.89
CA LEU B 160 15.01 -13.05 3.68
C LEU B 160 14.70 -12.92 5.17
N ILE B 161 13.87 -11.94 5.56
CA ILE B 161 13.56 -11.78 6.98
C ILE B 161 12.70 -12.91 7.54
N HIS B 162 11.94 -13.59 6.69
CA HIS B 162 11.13 -14.69 7.19
C HIS B 162 11.97 -15.95 7.43
N GLU B 163 13.04 -16.11 6.68
CA GLU B 163 13.89 -17.27 6.90
C GLU B 163 14.58 -17.16 8.27
N VAL B 164 14.80 -15.93 8.72
CA VAL B 164 15.40 -15.70 10.02
C VAL B 164 14.34 -15.99 11.10
N LEU B 165 13.11 -15.55 10.83
CA LEU B 165 12.01 -15.77 11.78
C LEU B 165 11.70 -17.25 11.91
N ALA B 166 11.62 -17.92 10.78
CA ALA B 166 11.32 -19.35 10.74
C ALA B 166 12.23 -20.03 9.74
N PRO B 167 13.44 -20.42 10.17
CA PRO B 167 14.40 -21.09 9.29
C PRO B 167 13.79 -22.24 8.52
N GLY B 168 14.10 -22.31 7.22
CA GLY B 168 13.58 -23.38 6.39
C GLY B 168 12.16 -23.16 5.92
N CYS B 169 11.60 -21.97 6.13
CA CYS B 169 10.23 -21.70 5.70
C CYS B 169 10.06 -21.76 4.19
N LEU B 170 11.16 -21.68 3.45
CA LEU B 170 11.09 -21.72 2.00
C LEU B 170 11.42 -23.09 1.42
N ASP B 171 11.80 -24.03 2.27
CA ASP B 171 12.16 -25.37 1.81
C ASP B 171 11.08 -26.06 1.00
N ALA B 172 9.82 -25.88 1.40
CA ALA B 172 8.71 -26.50 0.68
C ALA B 172 8.33 -25.74 -0.59
N PHE B 173 9.06 -24.67 -0.90
CA PHE B 173 8.79 -23.86 -2.09
C PHE B 173 10.03 -23.72 -2.97
N PRO B 174 10.24 -24.66 -3.91
CA PRO B 174 11.40 -24.64 -4.81
C PRO B 174 11.63 -23.39 -5.65
N LEU B 175 10.56 -22.84 -6.22
CA LEU B 175 10.71 -21.64 -7.03
C LEU B 175 11.19 -20.44 -6.21
N LEU B 176 10.61 -20.27 -5.02
CA LEU B 176 11.01 -19.16 -4.16
C LEU B 176 12.47 -19.32 -3.73
N SER B 177 12.83 -20.54 -3.33
CA SER B 177 14.19 -20.83 -2.91
C SER B 177 15.19 -20.45 -4.02
N ALA B 178 15.00 -21.00 -5.21
CA ALA B 178 15.90 -20.70 -6.32
C ALA B 178 15.89 -19.19 -6.61
N TYR B 179 14.72 -18.58 -6.44
CA TYR B 179 14.53 -17.15 -6.66
C TYR B 179 15.44 -16.34 -5.73
N VAL B 180 15.38 -16.63 -4.44
CA VAL B 180 16.20 -15.93 -3.48
C VAL B 180 17.69 -16.11 -3.82
N GLY B 181 18.10 -17.35 -4.04
CA GLY B 181 19.49 -17.62 -4.37
C GLY B 181 19.93 -16.91 -5.63
N ARG B 182 19.08 -16.91 -6.64
CA ARG B 182 19.40 -16.27 -7.91
C ARG B 182 19.57 -14.76 -7.74
N LEU B 183 18.57 -14.11 -7.16
CA LEU B 183 18.65 -12.66 -6.96
C LEU B 183 19.78 -12.28 -5.99
N SER B 184 19.97 -13.08 -4.95
CA SER B 184 21.01 -12.79 -3.96
C SER B 184 22.40 -12.88 -4.59
N ALA B 185 22.51 -13.62 -5.69
CA ALA B 185 23.78 -13.79 -6.38
C ALA B 185 24.10 -12.63 -7.31
N ARG B 186 23.10 -11.83 -7.69
CA ARG B 186 23.36 -10.69 -8.56
C ARG B 186 24.52 -9.94 -7.90
N PRO B 187 25.64 -9.77 -8.63
CA PRO B 187 26.87 -9.10 -8.18
C PRO B 187 26.72 -7.93 -7.20
N LYS B 188 26.26 -6.78 -7.68
CA LYS B 188 26.10 -5.63 -6.82
C LYS B 188 25.27 -5.92 -5.58
N LEU B 189 24.19 -6.68 -5.76
CA LEU B 189 23.32 -7.02 -4.64
C LEU B 189 24.03 -7.94 -3.67
N LYS B 190 24.78 -8.90 -4.19
CA LYS B 190 25.51 -9.85 -3.36
C LYS B 190 26.51 -9.08 -2.49
N ALA B 191 27.24 -8.16 -3.12
CA ALA B 191 28.22 -7.35 -2.40
C ALA B 191 27.54 -6.57 -1.28
N PHE B 192 26.40 -5.96 -1.58
CA PHE B 192 25.68 -5.18 -0.59
C PHE B 192 25.21 -6.03 0.59
N LEU B 193 24.63 -7.19 0.29
CA LEU B 193 24.12 -8.08 1.34
C LEU B 193 25.23 -8.60 2.25
N ALA B 194 26.46 -8.58 1.75
CA ALA B 194 27.59 -9.06 2.52
C ALA B 194 28.29 -7.94 3.29
N SER B 195 28.05 -6.70 2.88
CA SER B 195 28.67 -5.53 3.51
C SER B 195 28.18 -5.26 4.93
N PRO B 196 29.03 -4.64 5.76
CA PRO B 196 28.70 -4.30 7.15
C PRO B 196 27.48 -3.40 7.20
N GLU B 197 27.36 -2.55 6.19
CA GLU B 197 26.27 -1.59 6.05
C GLU B 197 24.91 -2.29 6.17
N TYR B 198 24.85 -3.52 5.68
CA TYR B 198 23.64 -4.31 5.72
C TYR B 198 23.71 -5.28 6.90
N VAL B 199 24.78 -6.07 6.94
CA VAL B 199 24.97 -7.07 7.98
C VAL B 199 24.98 -6.60 9.44
N ASN B 200 25.55 -5.43 9.72
CA ASN B 200 25.61 -4.97 11.11
C ASN B 200 24.44 -4.14 11.59
N LEU B 201 23.38 -4.06 10.79
CA LEU B 201 22.19 -3.34 11.19
C LEU B 201 21.16 -4.37 11.60
N PRO B 202 20.47 -4.14 12.71
CA PRO B 202 19.46 -5.13 13.11
C PRO B 202 18.29 -5.05 12.13
N ILE B 203 17.54 -6.14 11.99
CA ILE B 203 16.41 -6.17 11.09
C ILE B 203 15.34 -5.21 11.60
N ASN B 204 15.04 -5.31 12.89
CA ASN B 204 14.04 -4.47 13.51
C ASN B 204 14.64 -3.62 14.62
N GLY B 205 13.84 -2.75 15.22
CA GLY B 205 14.37 -1.88 16.25
C GLY B 205 14.16 -2.28 17.70
N ASN B 206 13.50 -3.41 17.94
CA ASN B 206 13.25 -3.86 19.30
C ASN B 206 14.08 -5.09 19.66
N GLY B 207 15.09 -5.37 18.85
CA GLY B 207 15.96 -6.49 19.11
C GLY B 207 15.37 -7.87 18.81
N LYS B 208 14.10 -7.91 18.41
CA LYS B 208 13.46 -9.18 18.11
C LYS B 208 13.46 -9.47 16.61
N GLN B 209 13.46 -10.75 16.27
CA GLN B 209 13.45 -11.18 14.87
C GLN B 209 13.09 -12.66 14.77
FE FE C . -14.16 -4.85 2.90
O1 MES D . -23.71 -2.09 -12.52
C2 MES D . -24.91 -1.29 -12.34
C3 MES D . -24.80 -0.11 -13.14
N4 MES D . -23.58 0.68 -12.64
C5 MES D . -22.33 -0.20 -12.75
C6 MES D . -22.51 -1.40 -12.03
C7 MES D . -23.35 1.95 -13.42
C8 MES D . -23.14 3.15 -12.47
S MES D . -22.89 4.64 -13.41
O1S MES D . -21.71 4.44 -14.27
O2S MES D . -22.69 5.71 -12.44
O3S MES D . -24.09 4.80 -14.21
N1 GSH E . -4.92 -5.63 1.12
CA1 GSH E . -6.16 -5.97 0.64
C1 GSH E . -6.75 -4.97 -0.21
O11 GSH E . -6.44 -3.79 -0.08
O12 GSH E . -7.61 -5.39 -1.12
CB1 GSH E . -7.10 -6.32 1.84
CG1 GSH E . -8.29 -7.21 1.39
CD1 GSH E . -9.24 -7.55 2.57
OE1 GSH E . -8.94 -7.26 3.75
N2 GSH E . -10.36 -8.17 2.20
CA2 GSH E . -11.39 -8.57 3.18
C2 GSH E . -11.70 -10.06 2.97
O2 GSH E . -11.63 -10.60 1.85
CB2 GSH E . -12.68 -7.75 2.97
SG2 GSH E . -12.35 -5.96 2.84
N3 GSH E . -12.08 -10.75 4.09
CA3 GSH E . -12.43 -12.20 4.07
C3 GSH E . -11.25 -13.05 4.52
O31 GSH E . -11.44 -14.27 4.55
O32 GSH E . -10.18 -12.48 4.84
N NO F . -13.29 -2.85 3.27
O NO F . -12.98 -2.82 4.67
N NO G . -15.47 -5.91 3.82
O NO G . -16.26 -7.08 4.01
FE FE H . 10.86 0.57 10.50
O1 MES I . 26.25 5.33 2.27
C2 MES I . 27.25 4.35 2.62
C3 MES I . 27.73 3.73 1.42
N4 MES I . 26.56 3.02 0.75
C5 MES I . 25.46 4.05 0.44
C6 MES I . 25.07 4.70 1.64
C7 MES I . 26.94 2.34 -0.55
C8 MES I . 26.40 0.88 -0.60
S MES I . 26.88 0.10 -2.12
O1S MES I . 26.34 0.90 -3.23
O2S MES I . 26.33 -1.26 -2.08
O3S MES I . 28.34 0.11 -2.15
N1 GSH J . 3.38 3.46 5.94
CA1 GSH J . 4.67 3.78 6.27
C1 GSH J . 5.64 3.33 5.31
O11 GSH J . 5.43 2.28 4.69
O12 GSH J . 6.73 4.06 5.16
CB1 GSH J . 4.99 3.23 7.68
CG1 GSH J . 5.95 4.18 8.43
CD1 GSH J . 6.30 3.64 9.85
OE1 GSH J . 5.62 2.74 10.40
N2 GSH J . 7.37 4.24 10.38
CA2 GSH J . 7.89 3.88 11.70
C2 GSH J . 8.16 5.19 12.49
O2 GSH J . 8.44 6.26 11.91
CB2 GSH J . 9.22 3.10 11.57
SG2 GSH J . 9.09 1.64 10.50
N3 GSH J . 8.08 5.12 13.85
CA3 GSH J . 8.31 6.28 14.75
C3 GSH J . 7.01 7.04 15.03
O31 GSH J . 7.11 8.03 15.78
O32 GSH J . 5.94 6.62 14.52
N NO K . 10.10 -1.23 9.50
O NO K . 9.62 -2.45 10.05
N NO L . 11.31 0.69 12.86
O NO L . 11.73 1.27 14.09
#